data_6O7Y
#
_entry.id   6O7Y
#
_cell.length_a   102.590
_cell.length_b   102.590
_cell.length_c   41.120
_cell.angle_alpha   90.00
_cell.angle_beta   90.00
_cell.angle_gamma   120.00
#
_symmetry.space_group_name_H-M   'P 31 2 1'
#
loop_
_entity.id
_entity.type
_entity.pdbx_description
1 polymer 'Putative Eukaryotic translation initiation factor 4E type 5'
2 non-polymer 2-amino-9-[(2R,3R,4S,5R)-5-({[(R)-{[(R)-{[(S)-({(2R,3R,4R,5R)-3-{[(R)-{[(2R,3R,4R,5R)-3-{[(S)-{[(2R,3R,4R,5R)-5-(4-amino-2-oxopyrimidin-1(2H)-yl)-3-{[(S)-hydroxy{[(2R,3R,4R,5R)-3-hydroxy-4-methoxy-5-(3-methyl-2,4-dioxo-3,4-dihydropyrimidin-1(2H)-yl)tetrahydrofuran-2-yl]methoxy}phosphoryl]oxy}-4-methoxytetrahydrofuran-2-yl]methoxy}(hydroxy)phosphoryl]oxy}-5-(6-amino-9H-purin-9-yl)-4-methoxytetrahydrofuran-2-yl]methoxy}(hydroxy)phosphoryl]oxy}-5-[6-(dimethylamino)-9H-purin-9-yl]-4-methoxytetrahydrofuran-2-yl}methoxy)(hydroxy)phosphoryl]oxy}(hydroxy)phosphoryl]oxy}(hydroxy)phosphoryl]oxy}methyl)-3,4-dihydroxytetrahydrofuran-2-yl]-7-methyl-6-oxo-6,9-dihydro-3H-purin-7-ium
3 non-polymer 'SULFATE ION'
4 water water
#
_entity_poly.entity_id   1
_entity_poly.type   'polypeptide(L)'
_entity_poly.pdbx_seq_one_letter_code
;MSYYHHHHHHLESTSLYKKAGCMKETAHALKDPWFLSYIPQLTPDTVKYDFKGDWNKAKQALQQPLDYIRTVEEFWSTIN
SLPKLHQLGNGSTFIFARNNVDASYEAFPNGTRVLVDLYKASVAEKGMDFVLSSVLGEGLTYDVFNGKKVCDVVRLSSRP
NQESPELVRLEVWLSDQLYAKDVIPYIRKGLNEAGLSFTDFIMGESTFEKDKKKPSVSGAKS
;
_entity_poly.pdbx_strand_id   A
#
loop_
_chem_comp.id
_chem_comp.type
_chem_comp.name
_chem_comp.formula
LRM non-polymer 2-amino-9-[(2R,3R,4S,5R)-5-({[(R)-{[(R)-{[(S)-({(2R,3R,4R,5R)-3-{[(R)-{[(2R,3R,4R,5R)-3-{[(S)-{[(2R,3R,4R,5R)-5-(4-amino-2-oxopyrimidin-1(2H)-yl)-3-{[(S)-hydroxy{[(2R,3R,4R,5R)-3-hydroxy-4-methoxy-5-(3-methyl-2,4-dioxo-3,4-dihydropyrimidin-1(2H)-yl)tetrahydrofuran-2-yl]methoxy}phosphoryl]oxy}-4-methoxytetrahydrofuran-2-yl]methoxy}(hydroxy)phosphoryl]oxy}-5-(6-amino-9H-purin-9-yl)-4-methoxytetrahydrofuran-2-yl]methoxy}(hydroxy)phosphoryl]oxy}-5-[6-(dimethylamino)-9H-purin-9-yl]-4-methoxytetrahydrofuran-2-yl}methoxy)(hydroxy)phosphoryl]oxy}(hydroxy)phosphoryl]oxy}(hydroxy)phosphoryl]oxy}methyl)-3,4-dihydroxytetrahydrofuran-2-yl]-7-methyl-6-oxo-6,9-dihydro-3H-purin-7-ium 'C56 H79 N20 O38 P6 1'
SO4 non-polymer 'SULFATE ION' 'O4 S -2'
#
# COMPACT_ATOMS: atom_id res chain seq x y z
N THR A 26 9.66 -12.78 23.18
CA THR A 26 9.04 -11.58 23.78
C THR A 26 8.42 -10.69 22.68
N ALA A 27 9.29 -10.00 21.89
CA ALA A 27 8.92 -9.15 20.76
C ALA A 27 9.64 -9.77 19.56
N HIS A 28 8.88 -10.15 18.53
CA HIS A 28 9.41 -10.81 17.35
C HIS A 28 9.63 -9.80 16.24
N ALA A 29 10.88 -9.33 16.15
CA ALA A 29 11.35 -8.31 15.21
C ALA A 29 11.06 -8.61 13.74
N LEU A 30 10.57 -7.63 12.99
CA LEU A 30 10.36 -7.80 11.55
C LEU A 30 11.74 -7.79 10.88
N LYS A 31 11.89 -8.27 9.61
CA LYS A 31 13.19 -8.18 8.92
C LYS A 31 13.69 -6.71 8.90
N ASP A 32 12.75 -5.80 8.69
CA ASP A 32 13.02 -4.37 8.71
C ASP A 32 11.85 -3.72 9.39
N PRO A 33 12.12 -2.63 10.13
CA PRO A 33 11.00 -1.84 10.68
C PRO A 33 10.32 -1.07 9.52
N TRP A 34 9.02 -0.76 9.68
CA TRP A 34 8.28 -0.02 8.66
C TRP A 34 7.62 1.18 9.29
N PHE A 35 7.73 2.32 8.62
CA PHE A 35 7.07 3.51 9.11
C PHE A 35 5.68 3.71 8.45
N LEU A 36 4.65 3.90 9.27
CA LEU A 36 3.27 4.15 8.85
C LEU A 36 2.91 5.63 8.94
N SER A 37 2.48 6.19 7.80
CA SER A 37 2.08 7.58 7.66
C SER A 37 0.68 7.69 7.06
N TYR A 38 0.07 8.86 7.28
CA TYR A 38 -1.28 9.16 6.82
C TYR A 38 -1.34 10.47 6.06
N ILE A 39 -1.93 10.45 4.86
CA ILE A 39 -2.16 11.66 4.06
C ILE A 39 -3.68 11.84 3.88
N PRO A 40 -4.30 12.75 4.66
CA PRO A 40 -5.76 12.94 4.56
C PRO A 40 -6.21 13.52 3.24
N GLN A 41 -7.34 13.02 2.70
CA GLN A 41 -8.00 13.46 1.47
C GLN A 41 -7.00 13.95 0.38
N LEU A 42 -5.98 13.12 0.08
CA LEU A 42 -4.94 13.36 -0.93
C LEU A 42 -5.48 13.08 -2.34
N THR A 43 -6.06 14.12 -2.97
CA THR A 43 -6.59 14.01 -4.33
C THR A 43 -5.75 14.84 -5.32
N PRO A 44 -5.62 14.41 -6.61
CA PRO A 44 -4.87 15.24 -7.59
C PRO A 44 -5.30 16.72 -7.67
N ASP A 45 -6.52 17.04 -7.18
CA ASP A 45 -7.08 18.39 -7.13
C ASP A 45 -6.59 19.18 -5.92
N THR A 46 -6.30 18.50 -4.78
CA THR A 46 -5.81 19.17 -3.56
C THR A 46 -4.38 19.72 -3.74
N VAL A 47 -3.59 19.20 -4.71
CA VAL A 47 -2.23 19.69 -4.96
C VAL A 47 -2.24 21.08 -5.66
N LYS A 48 -3.45 21.62 -5.99
CA LYS A 48 -3.65 22.98 -6.55
C LYS A 48 -3.71 23.99 -5.40
N TYR A 49 -4.23 23.56 -4.21
CA TYR A 49 -4.30 24.36 -2.97
C TYR A 49 -2.86 24.58 -2.50
N ASP A 50 -2.05 23.52 -2.61
CA ASP A 50 -0.62 23.50 -2.30
C ASP A 50 0.14 23.92 -3.56
N PHE A 51 1.49 23.97 -3.49
CA PHE A 51 2.35 24.35 -4.61
C PHE A 51 2.03 23.51 -5.85
N LYS A 52 1.74 24.21 -6.99
CA LYS A 52 1.35 23.63 -8.28
C LYS A 52 2.19 22.41 -8.67
N GLY A 53 3.47 22.62 -8.95
CA GLY A 53 4.40 21.55 -9.29
C GLY A 53 4.84 20.71 -8.11
N ASP A 54 5.38 21.39 -7.07
CA ASP A 54 5.96 20.81 -5.84
C ASP A 54 5.04 19.84 -5.07
N TRP A 55 5.42 18.56 -5.09
CA TRP A 55 4.76 17.47 -4.39
C TRP A 55 5.24 17.47 -2.94
N ASN A 56 6.55 17.75 -2.75
CA ASN A 56 7.25 17.83 -1.47
C ASN A 56 6.57 18.84 -0.52
N LYS A 57 6.01 19.94 -1.08
CA LYS A 57 5.29 20.98 -0.33
C LYS A 57 4.00 20.43 0.28
N ALA A 58 3.13 19.81 -0.54
CA ALA A 58 1.86 19.19 -0.13
C ALA A 58 2.10 18.06 0.89
N LYS A 59 3.18 17.27 0.67
CA LYS A 59 3.62 16.15 1.50
C LYS A 59 3.98 16.64 2.91
N GLN A 60 4.91 17.62 3.02
CA GLN A 60 5.34 18.23 4.29
C GLN A 60 4.15 18.86 5.05
N ALA A 61 3.19 19.46 4.31
CA ALA A 61 1.97 20.08 4.82
C ALA A 61 0.91 19.10 5.35
N LEU A 62 0.49 18.13 4.50
CA LEU A 62 -0.61 17.20 4.78
C LEU A 62 -0.25 15.91 5.51
N GLN A 63 0.94 15.32 5.27
CA GLN A 63 1.32 14.03 5.87
C GLN A 63 1.47 14.06 7.40
N GLN A 64 0.80 13.10 8.06
CA GLN A 64 0.87 12.89 9.51
C GLN A 64 1.61 11.56 9.79
N PRO A 65 2.53 11.50 10.79
CA PRO A 65 3.17 10.21 11.11
C PRO A 65 2.21 9.40 12.01
N LEU A 66 2.19 8.07 11.88
CA LEU A 66 1.28 7.29 12.72
C LEU A 66 1.98 6.33 13.63
N ASP A 67 2.82 5.45 13.07
CA ASP A 67 3.50 4.43 13.84
C ASP A 67 4.77 3.97 13.21
N TYR A 68 5.61 3.43 14.04
CA TYR A 68 6.87 2.82 13.66
C TYR A 68 6.70 1.34 14.03
N ILE A 69 6.54 0.50 13.04
CA ILE A 69 6.28 -0.93 13.28
C ILE A 69 7.55 -1.73 13.23
N ARG A 70 7.94 -2.28 14.38
CA ARG A 70 9.20 -3.04 14.46
C ARG A 70 9.08 -4.53 14.64
N THR A 71 7.91 -5.01 15.08
CA THR A 71 7.66 -6.41 15.44
C THR A 71 6.33 -6.91 14.87
N VAL A 72 6.14 -8.24 14.88
CA VAL A 72 4.93 -8.94 14.44
C VAL A 72 3.74 -8.55 15.33
N GLU A 73 3.99 -8.45 16.65
CA GLU A 73 2.99 -8.03 17.63
C GLU A 73 2.53 -6.61 17.34
N GLU A 74 3.48 -5.69 17.02
CA GLU A 74 3.16 -4.31 16.66
C GLU A 74 2.42 -4.27 15.33
N PHE A 75 2.84 -5.09 14.36
CA PHE A 75 2.20 -5.17 13.05
C PHE A 75 0.69 -5.46 13.16
N TRP A 76 0.31 -6.47 13.95
CA TRP A 76 -1.09 -6.85 14.08
C TRP A 76 -1.90 -5.86 14.89
N SER A 77 -1.33 -5.27 15.96
CA SER A 77 -2.07 -4.24 16.70
C SER A 77 -2.30 -3.06 15.76
N THR A 78 -1.25 -2.55 15.09
CA THR A 78 -1.39 -1.48 14.11
C THR A 78 -2.45 -1.79 13.02
N ILE A 79 -2.34 -2.94 12.32
CA ILE A 79 -3.24 -3.33 11.23
C ILE A 79 -4.69 -3.45 11.71
N ASN A 80 -4.91 -4.25 12.78
CA ASN A 80 -6.23 -4.51 13.32
C ASN A 80 -6.80 -3.31 14.12
N SER A 81 -6.17 -2.12 14.01
CA SER A 81 -6.62 -0.88 14.64
C SER A 81 -6.59 0.31 13.65
N LEU A 82 -6.61 0.02 12.34
CA LEU A 82 -6.60 1.06 11.33
C LEU A 82 -8.03 1.57 11.03
N PRO A 83 -8.25 2.93 10.94
CA PRO A 83 -9.60 3.43 10.60
C PRO A 83 -9.94 3.06 9.16
N LYS A 84 -11.23 2.74 8.89
CA LYS A 84 -11.71 2.33 7.57
C LYS A 84 -11.55 3.44 6.55
N LEU A 85 -10.79 3.15 5.47
CA LEU A 85 -10.40 4.10 4.40
C LEU A 85 -11.53 4.88 3.79
N HIS A 86 -12.64 4.20 3.46
CA HIS A 86 -13.84 4.78 2.86
C HIS A 86 -14.59 5.75 3.80
N GLN A 87 -14.46 5.56 5.15
CA GLN A 87 -15.05 6.36 6.22
C GLN A 87 -14.27 7.68 6.48
N LEU A 88 -13.05 7.75 5.91
CA LEU A 88 -12.17 8.92 5.86
C LEU A 88 -12.47 9.38 4.44
N GLY A 89 -12.20 10.63 4.11
CA GLY A 89 -12.56 11.13 2.78
C GLY A 89 -11.89 10.50 1.57
N ASN A 90 -12.39 10.83 0.39
CA ASN A 90 -11.83 10.39 -0.89
C ASN A 90 -10.38 10.91 -1.00
N GLY A 91 -9.49 10.02 -1.40
CA GLY A 91 -8.07 10.31 -1.55
C GLY A 91 -7.23 10.02 -0.32
N SER A 92 -7.87 9.77 0.85
CA SER A 92 -7.18 9.48 2.13
C SER A 92 -6.31 8.24 1.96
N THR A 93 -5.01 8.40 2.24
CA THR A 93 -3.95 7.42 2.01
C THR A 93 -3.11 7.02 3.24
N PHE A 94 -2.91 5.70 3.44
CA PHE A 94 -1.97 5.10 4.42
C PHE A 94 -0.72 4.66 3.66
N ILE A 95 0.47 4.96 4.19
CA ILE A 95 1.73 4.60 3.57
C ILE A 95 2.57 3.79 4.54
N PHE A 96 3.02 2.61 4.14
CA PHE A 96 3.92 1.75 4.93
C PHE A 96 5.23 1.81 4.19
N ALA A 97 6.26 2.39 4.82
CA ALA A 97 7.57 2.62 4.20
C ALA A 97 8.66 1.87 4.93
N ARG A 98 9.31 0.93 4.24
CA ARG A 98 10.40 0.12 4.76
C ARG A 98 11.54 1.03 5.15
N ASN A 99 12.03 0.89 6.40
CA ASN A 99 13.13 1.68 6.99
C ASN A 99 12.89 3.17 6.93
N ASN A 100 11.61 3.60 6.97
CA ASN A 100 11.21 4.99 6.95
C ASN A 100 11.66 5.73 5.65
N VAL A 101 11.71 5.03 4.51
CA VAL A 101 12.05 5.67 3.23
C VAL A 101 10.92 6.61 2.75
N ASP A 102 11.29 7.54 1.90
CA ASP A 102 10.38 8.48 1.28
C ASP A 102 9.56 7.74 0.19
N ALA A 103 8.24 7.75 0.30
CA ALA A 103 7.38 7.08 -0.67
C ALA A 103 7.04 8.04 -1.84
N SER A 104 8.07 8.29 -2.65
CA SER A 104 8.02 9.15 -3.83
C SER A 104 8.41 8.35 -5.05
N TYR A 105 7.76 8.60 -6.23
CA TYR A 105 8.11 7.86 -7.45
C TYR A 105 9.54 8.15 -7.92
N GLU A 106 10.06 9.33 -7.57
CA GLU A 106 11.43 9.76 -7.91
C GLU A 106 12.50 8.87 -7.24
N ALA A 107 12.16 8.28 -6.06
CA ALA A 107 13.03 7.41 -5.28
C ALA A 107 13.27 6.02 -5.94
N PHE A 108 12.41 5.62 -6.90
CA PHE A 108 12.50 4.31 -7.60
C PHE A 108 12.38 4.56 -9.12
N PRO A 109 13.49 4.96 -9.79
CA PRO A 109 13.42 5.32 -11.22
C PRO A 109 13.05 4.19 -12.17
N ASN A 110 13.63 2.99 -11.95
CA ASN A 110 13.33 1.80 -12.76
C ASN A 110 12.27 0.93 -12.06
N GLY A 111 11.42 1.57 -11.26
CA GLY A 111 10.37 0.89 -10.51
C GLY A 111 8.98 0.94 -11.09
N THR A 112 8.03 0.29 -10.41
CA THR A 112 6.61 0.23 -10.76
C THR A 112 5.73 0.03 -9.51
N ARG A 113 4.42 0.16 -9.67
CA ARG A 113 3.49 -0.11 -8.59
C ARG A 113 2.39 -1.01 -9.10
N VAL A 114 2.31 -2.19 -8.46
CA VAL A 114 1.31 -3.21 -8.70
C VAL A 114 0.06 -2.73 -7.97
N LEU A 115 -1.03 -2.53 -8.73
CA LEU A 115 -2.28 -2.06 -8.17
C LEU A 115 -3.24 -3.18 -7.90
N VAL A 116 -4.03 -3.02 -6.84
CA VAL A 116 -5.10 -3.92 -6.48
C VAL A 116 -6.28 -3.02 -6.10
N ASP A 117 -7.34 -3.01 -6.92
CA ASP A 117 -8.58 -2.29 -6.60
C ASP A 117 -9.56 -3.28 -6.01
N LEU A 118 -10.04 -3.00 -4.80
CA LEU A 118 -10.94 -3.83 -4.02
C LEU A 118 -12.25 -3.07 -3.95
N TYR A 119 -13.32 -3.69 -4.45
CA TYR A 119 -14.59 -3.03 -4.66
C TYR A 119 -15.40 -2.80 -3.39
N LYS A 120 -15.39 -3.74 -2.43
CA LYS A 120 -16.12 -3.58 -1.17
C LYS A 120 -15.19 -3.30 0.00
N ALA A 121 -15.71 -2.73 1.10
CA ALA A 121 -14.93 -2.40 2.30
C ALA A 121 -14.43 -3.69 2.99
N SER A 122 -15.31 -4.71 3.08
CA SER A 122 -15.08 -6.02 3.65
C SER A 122 -13.94 -6.78 2.94
N VAL A 123 -14.00 -6.89 1.57
CA VAL A 123 -12.94 -7.58 0.81
C VAL A 123 -11.62 -6.83 0.90
N ALA A 124 -11.68 -5.48 1.02
CA ALA A 124 -10.48 -4.67 1.17
C ALA A 124 -9.74 -5.05 2.46
N GLU A 125 -10.48 -5.45 3.54
CA GLU A 125 -9.89 -5.92 4.80
C GLU A 125 -9.14 -7.25 4.62
N LYS A 126 -9.77 -8.26 3.99
CA LYS A 126 -9.14 -9.54 3.68
C LYS A 126 -7.92 -9.35 2.73
N GLY A 127 -8.02 -8.40 1.81
CA GLY A 127 -6.98 -8.13 0.84
C GLY A 127 -5.79 -7.43 1.43
N MET A 128 -6.05 -6.46 2.31
CA MET A 128 -5.00 -5.70 3.01
C MET A 128 -4.19 -6.65 3.90
N ASP A 129 -4.86 -7.56 4.59
CA ASP A 129 -4.20 -8.53 5.48
C ASP A 129 -3.25 -9.42 4.70
N PHE A 130 -3.72 -9.96 3.57
CA PHE A 130 -2.92 -10.77 2.68
C PHE A 130 -1.69 -10.01 2.22
N VAL A 131 -1.88 -8.83 1.58
CA VAL A 131 -0.80 -8.01 1.02
C VAL A 131 0.17 -7.47 2.10
N LEU A 132 -0.33 -6.96 3.22
CA LEU A 132 0.58 -6.40 4.24
C LEU A 132 1.43 -7.47 4.91
N SER A 133 0.86 -8.65 5.20
CA SER A 133 1.56 -9.79 5.80
C SER A 133 2.58 -10.35 4.81
N SER A 134 2.19 -10.44 3.53
CA SER A 134 3.05 -10.87 2.46
C SER A 134 4.25 -9.93 2.29
N VAL A 135 4.06 -8.63 2.41
CA VAL A 135 5.14 -7.65 2.25
C VAL A 135 5.97 -7.47 3.53
N LEU A 136 5.34 -7.11 4.64
CA LEU A 136 6.07 -6.86 5.88
C LEU A 136 6.59 -8.16 6.50
N GLY A 137 5.89 -9.26 6.23
CA GLY A 137 6.28 -10.59 6.68
C GLY A 137 7.30 -11.26 5.77
N GLU A 138 7.70 -10.55 4.67
CA GLU A 138 8.68 -10.95 3.68
C GLU A 138 8.29 -12.23 2.91
N GLY A 139 6.99 -12.44 2.72
CA GLY A 139 6.50 -13.58 1.96
C GLY A 139 6.90 -13.46 0.50
N LEU A 140 6.70 -12.26 -0.09
CA LEU A 140 7.06 -11.85 -1.47
C LEU A 140 8.57 -12.05 -1.67
N THR A 141 9.38 -11.55 -0.71
CA THR A 141 10.83 -11.62 -0.75
C THR A 141 11.34 -13.03 -1.02
N TYR A 142 10.87 -14.02 -0.26
CA TYR A 142 11.34 -15.39 -0.42
C TYR A 142 10.56 -16.24 -1.42
N ASP A 143 9.29 -15.91 -1.74
CA ASP A 143 8.51 -16.67 -2.73
C ASP A 143 8.67 -16.16 -4.16
N VAL A 144 8.94 -14.86 -4.37
CA VAL A 144 9.02 -14.24 -5.70
C VAL A 144 10.38 -13.59 -5.98
N PHE A 145 10.99 -12.91 -4.99
CA PHE A 145 12.22 -12.15 -5.20
C PHE A 145 13.54 -12.89 -4.89
N ASN A 146 13.51 -14.21 -4.57
CA ASN A 146 14.70 -15.01 -4.20
C ASN A 146 15.59 -14.40 -3.07
N GLY A 147 14.98 -13.70 -2.13
CA GLY A 147 15.72 -13.09 -1.03
C GLY A 147 16.01 -11.60 -1.15
N LYS A 148 15.78 -11.01 -2.36
CA LYS A 148 15.97 -9.59 -2.64
C LYS A 148 14.76 -8.74 -2.14
N LYS A 149 15.02 -7.55 -1.54
CA LYS A 149 13.99 -6.66 -0.99
C LYS A 149 13.54 -5.65 -2.04
N VAL A 150 12.77 -6.13 -3.02
CA VAL A 150 12.26 -5.34 -4.14
C VAL A 150 11.15 -4.40 -3.69
N CYS A 151 10.30 -4.83 -2.73
CA CYS A 151 9.21 -3.96 -2.23
C CYS A 151 9.60 -3.17 -0.94
N ASP A 152 9.49 -1.83 -1.01
CA ASP A 152 9.81 -0.92 0.10
C ASP A 152 8.64 -0.07 0.53
N VAL A 153 7.61 -0.03 -0.30
CA VAL A 153 6.42 0.77 -0.03
C VAL A 153 5.16 -0.05 -0.33
N VAL A 154 4.15 0.09 0.55
CA VAL A 154 2.77 -0.36 0.37
C VAL A 154 1.89 0.87 0.67
N ARG A 155 1.00 1.22 -0.26
CA ARG A 155 0.06 2.34 -0.06
C ARG A 155 -1.36 1.81 -0.13
N LEU A 156 -2.24 2.40 0.66
CA LEU A 156 -3.67 2.04 0.72
C LEU A 156 -4.44 3.37 0.61
N SER A 157 -5.38 3.50 -0.34
CA SER A 157 -6.18 4.74 -0.44
C SER A 157 -7.66 4.53 -0.70
N SER A 158 -8.49 5.49 -0.22
CA SER A 158 -9.93 5.54 -0.43
C SER A 158 -10.14 6.14 -1.81
N ARG A 159 -10.67 5.37 -2.77
CA ARG A 159 -10.88 5.88 -4.14
C ARG A 159 -12.28 5.62 -4.64
N PRO A 160 -13.32 6.24 -4.02
CA PRO A 160 -14.69 5.97 -4.49
C PRO A 160 -14.94 6.51 -5.88
N ASN A 161 -15.85 5.86 -6.57
CA ASN A 161 -16.33 6.27 -7.86
C ASN A 161 -17.85 6.18 -7.80
N GLN A 162 -18.55 6.71 -8.83
CA GLN A 162 -20.01 6.75 -8.90
C GLN A 162 -20.66 5.40 -8.59
N GLU A 163 -20.09 4.32 -9.14
CA GLU A 163 -20.57 2.93 -8.98
C GLU A 163 -20.09 2.25 -7.71
N SER A 164 -18.83 2.50 -7.28
CA SER A 164 -18.18 1.87 -6.13
C SER A 164 -17.75 2.86 -5.02
N PRO A 165 -18.70 3.20 -4.10
CA PRO A 165 -18.40 4.14 -3.02
C PRO A 165 -17.42 3.66 -1.95
N GLU A 166 -17.20 2.33 -1.81
CA GLU A 166 -16.29 1.73 -0.83
C GLU A 166 -14.98 1.29 -1.47
N LEU A 167 -14.73 1.69 -2.74
CA LEU A 167 -13.53 1.31 -3.48
C LEU A 167 -12.21 1.69 -2.79
N VAL A 168 -11.35 0.68 -2.59
CA VAL A 168 -10.04 0.85 -1.98
C VAL A 168 -8.96 0.37 -2.95
N ARG A 169 -7.91 1.16 -3.12
CA ARG A 169 -6.73 0.83 -3.92
C ARG A 169 -5.53 0.47 -3.04
N LEU A 170 -4.90 -0.71 -3.29
CA LEU A 170 -3.63 -1.08 -2.65
C LEU A 170 -2.58 -0.93 -3.74
N GLU A 171 -1.39 -0.44 -3.35
CA GLU A 171 -0.26 -0.32 -4.26
C GLU A 171 0.95 -1.01 -3.66
N VAL A 172 1.56 -1.92 -4.43
CA VAL A 172 2.77 -2.63 -4.02
C VAL A 172 3.85 -2.07 -4.90
N TRP A 173 4.67 -1.18 -4.34
CA TRP A 173 5.75 -0.50 -5.05
C TRP A 173 6.95 -1.39 -5.19
N LEU A 174 7.48 -1.51 -6.39
CA LEU A 174 8.65 -2.36 -6.67
C LEU A 174 9.83 -1.52 -7.12
N SER A 175 11.06 -1.84 -6.64
CA SER A 175 12.31 -1.14 -6.99
C SER A 175 12.58 -1.33 -8.46
N ASP A 176 12.24 -2.53 -8.98
CA ASP A 176 12.45 -2.94 -10.36
C ASP A 176 11.18 -3.52 -11.01
N GLN A 177 10.78 -2.93 -12.16
CA GLN A 177 9.63 -3.27 -13.02
C GLN A 177 9.59 -4.75 -13.47
N LEU A 178 10.77 -5.39 -13.64
CA LEU A 178 10.97 -6.78 -14.10
C LEU A 178 10.21 -7.81 -13.26
N TYR A 179 9.97 -7.49 -11.97
CA TYR A 179 9.25 -8.38 -11.07
C TYR A 179 7.73 -8.25 -11.12
N ALA A 180 7.17 -7.13 -11.68
CA ALA A 180 5.71 -6.92 -11.76
C ALA A 180 4.92 -8.03 -12.43
N LYS A 181 5.47 -8.62 -13.51
CA LYS A 181 4.81 -9.71 -14.24
C LYS A 181 4.73 -10.99 -13.40
N ASP A 182 5.54 -11.07 -12.32
CA ASP A 182 5.55 -12.21 -11.39
C ASP A 182 4.79 -11.91 -10.09
N VAL A 183 4.76 -10.64 -9.70
CA VAL A 183 4.06 -10.15 -8.50
C VAL A 183 2.54 -10.15 -8.69
N ILE A 184 2.08 -9.76 -9.91
CA ILE A 184 0.65 -9.71 -10.25
C ILE A 184 -0.04 -11.11 -10.07
N PRO A 185 0.48 -12.24 -10.65
CA PRO A 185 -0.22 -13.54 -10.43
C PRO A 185 -0.09 -14.08 -9.02
N TYR A 186 1.00 -13.76 -8.33
CA TYR A 186 1.25 -14.22 -6.96
C TYR A 186 0.24 -13.54 -6.01
N ILE A 187 0.04 -12.22 -6.18
CA ILE A 187 -0.93 -11.45 -5.42
C ILE A 187 -2.36 -11.92 -5.77
N ARG A 188 -2.68 -12.08 -7.08
CA ARG A 188 -3.97 -12.60 -7.56
C ARG A 188 -4.34 -13.97 -6.94
N LYS A 189 -3.39 -14.94 -6.97
CA LYS A 189 -3.58 -16.28 -6.38
C LYS A 189 -3.77 -16.18 -4.87
N GLY A 190 -2.97 -15.33 -4.22
CA GLY A 190 -3.04 -15.10 -2.79
C GLY A 190 -4.39 -14.53 -2.37
N LEU A 191 -4.89 -13.56 -3.16
CA LEU A 191 -6.21 -12.95 -2.93
C LEU A 191 -7.33 -13.95 -3.17
N ASN A 192 -7.23 -14.80 -4.22
CA ASN A 192 -8.22 -15.85 -4.46
C ASN A 192 -8.18 -16.89 -3.35
N GLU A 193 -6.97 -17.19 -2.82
CA GLU A 193 -6.79 -18.11 -1.70
C GLU A 193 -7.34 -17.51 -0.38
N ALA A 194 -7.22 -16.16 -0.20
CA ALA A 194 -7.80 -15.42 0.96
C ALA A 194 -9.36 -15.34 0.85
N GLY A 195 -9.92 -15.92 -0.21
CA GLY A 195 -11.36 -15.97 -0.42
C GLY A 195 -11.96 -14.90 -1.31
N LEU A 196 -11.14 -14.12 -2.03
CA LEU A 196 -11.64 -13.09 -2.92
C LEU A 196 -11.93 -13.63 -4.33
N SER A 197 -13.11 -13.37 -4.88
CA SER A 197 -13.43 -13.78 -6.24
C SER A 197 -12.82 -12.77 -7.27
N PHE A 198 -12.97 -13.10 -8.54
CA PHE A 198 -12.51 -12.30 -9.68
C PHE A 198 -13.19 -10.92 -9.77
N THR A 199 -14.43 -10.81 -9.28
CA THR A 199 -15.21 -9.56 -9.25
C THR A 199 -14.89 -8.74 -8.02
N ASP A 200 -14.19 -9.32 -7.00
CA ASP A 200 -13.92 -8.61 -5.77
C ASP A 200 -12.78 -7.66 -5.93
N PHE A 201 -11.89 -7.95 -6.87
CA PHE A 201 -10.72 -7.10 -7.07
C PHE A 201 -10.31 -7.06 -8.53
N ILE A 202 -9.51 -6.06 -8.90
CA ILE A 202 -8.95 -5.92 -10.25
C ILE A 202 -7.44 -5.66 -10.07
N MET A 203 -6.60 -6.40 -10.81
CA MET A 203 -5.13 -6.21 -10.79
C MET A 203 -4.77 -5.14 -11.84
N GLY A 204 -3.81 -4.31 -11.49
CA GLY A 204 -3.32 -3.24 -12.34
C GLY A 204 -1.83 -3.03 -12.15
N GLU A 205 -1.30 -2.11 -12.95
CA GLU A 205 0.11 -1.71 -12.93
C GLU A 205 0.25 -0.29 -13.46
N SER A 206 1.09 0.51 -12.79
CA SER A 206 1.41 1.90 -13.08
C SER A 206 2.92 2.02 -12.91
N THR A 207 3.63 2.30 -13.99
CA THR A 207 5.09 2.38 -13.98
C THR A 207 5.61 3.73 -13.38
N PHE A 208 6.93 3.80 -13.07
CA PHE A 208 7.58 5.02 -12.56
C PHE A 208 8.53 5.66 -13.59
C1 LRM B . -9.26 3.81 -8.45
C2 LRM B . -9.26 4.33 -10.87
C3 LRM B . -9.32 4.68 -13.28
N4 LRM B . -6.90 6.95 -11.80
C5 LRM B . -8.26 5.42 -10.81
C6 LRM B . -6.75 6.97 -10.43
C7 LRM B . -6.09 7.68 -12.80
C8 LRM B . -6.81 8.82 -13.52
C9 LRM B . -7.37 8.67 -15.85
N11 LRM B . -13.69 9.34 -8.62
O12 LRM B . -19.55 10.83 -10.36
C13 LRM B . -11.00 8.74 -14.02
C14 LRM B . -10.46 8.97 -11.53
O15 LRM B . -21.69 10.29 -8.03
C16 LRM B . -11.47 7.28 -10.68
C17 LRM B . -12.06 6.21 -9.91
O18 LRM B . -17.54 14.62 -12.73
C19 LRM B . -12.28 9.45 -14.46
C20 LRM B . -13.55 8.33 -16.15
C22 LRM B . -15.54 12.49 -15.30
C23 LRM B . -16.48 11.38 -14.89
O24 LRM B . -1.73 9.19 -8.85
C26 LRM B . -13.97 10.39 -10.75
C27 LRM B . -14.37 9.45 -9.76
C28 LRM B . -16.13 8.65 -11.11
C29 LRM B . -17.84 10.30 -13.32
C30 LRM B . -19.53 8.65 -13.66
C31 LRM B . -17.39 11.71 -13.72
C32 LRM B . -20.64 12.45 -11.82
O36 LRM B . -2.65 7.37 -10.31
P3 LRM B . -2.99 8.65 -9.66
O35 LRM B . -4.18 8.70 -8.77
P4 LRM B . -1.25 8.98 -7.34
O34 LRM B . -1.63 7.64 -6.85
O33 LRM B . 0.24 9.26 -7.27
O25 LRM B . -2.02 10.17 -6.61
P5 LRM B . -2.35 10.57 -5.11
O32 LRM B . -1.79 9.60 -4.13
O27 LRM B . -1.67 12.05 -4.89
C45 LRM B . -2.30 13.26 -5.36
C46 LRM B . -1.30 14.05 -6.19
C55 LRM B . -0.93 13.46 -7.55
O31 LRM B . -1.90 13.74 -8.55
C54 LRM B . 0.43 14.10 -7.81
O30 LRM B . 0.33 15.44 -8.27
C47 LRM B . 1.03 14.12 -6.39
N15 LRM B . 1.91 12.99 -6.10
C50 LRM B . 3.30 12.89 -6.44
N19 LRM B . 4.06 13.72 -7.25
C53 LRM B . 5.40 13.31 -7.35
N18 LRM B . 6.27 14.06 -8.04
N17 LRM B . 5.90 12.20 -6.73
C52 LRM B . 5.17 11.34 -5.92
O29 LRM B . 5.75 10.35 -5.45
C51 LRM B . 3.77 11.73 -5.77
N16 LRM B . 2.66 11.19 -5.08
C49 LRM B . 2.64 9.94 -4.30
C48 LRM B . 1.61 11.96 -5.30
O28 LRM B . -0.06 14.14 -5.48
O26 LRM B . -3.88 10.77 -5.01
O23 LRM B . -3.13 9.78 -10.79
C44 LRM B . -4.41 10.36 -11.10
C43 LRM B . -4.96 9.68 -12.33
O37 LRM B . -4.96 8.25 -12.14
C4 LRM B . -7.86 6.01 -12.08
N2 LRM B . -8.39 5.66 -13.33
N1 LRM B . -9.77 4.00 -12.16
N3 LRM B . -7.52 6.07 -9.79
N LRM B . -9.68 3.59 -9.85
C LRM B . -10.57 2.43 -10.00
C10 LRM B . -6.40 10.02 -12.68
O LRM B . -6.37 8.90 -14.87
O1 LRM B . -6.36 11.24 -13.48
P LRM B . -7.16 12.58 -13.15
O22 LRM B . -6.42 13.78 -13.62
O21 LRM B . -7.53 12.57 -11.65
O2 LRM B . -8.51 12.38 -14.01
C11 LRM B . -9.73 11.91 -13.40
C12 LRM B . -10.45 11.00 -14.36
C21 LRM B . -11.93 10.89 -14.07
O4 LRM B . -12.51 9.24 -15.85
N5 LRM B . -10.99 8.31 -12.61
C15 LRM B . -11.65 7.23 -12.13
N9 LRM B . -12.37 6.23 -12.81
C18 LRM B . -12.88 5.30 -11.97
N8 LRM B . -12.78 5.22 -10.58
N7 LRM B . -11.99 6.11 -8.54
N6 LRM B . -10.71 8.40 -10.34
O3 LRM B . -9.94 9.65 -14.23
O5 LRM B . -12.61 11.90 -14.83
P1 LRM B . -13.20 13.24 -14.18
O20 LRM B . -12.70 13.51 -12.80
O19 LRM B . -12.99 14.39 -15.17
O6 LRM B . -14.77 12.92 -14.16
O9 LRM B . -18.77 9.72 -14.21
C24 LRM B . -16.49 9.57 -13.40
N10 LRM B . -15.73 9.55 -12.12
O8 LRM B . -17.09 7.91 -11.31
N12 LRM B . -15.42 8.63 -9.95
C25 LRM B . -14.67 10.41 -11.91
O7 LRM B . -15.73 10.25 -14.40
O10 LRM B . -18.51 12.58 -14.01
P2 LRM B . -18.79 13.90 -13.08
O17 LRM B . -19.86 14.76 -13.79
O11 LRM B . -19.46 13.27 -11.72
C33 LRM B . -20.77 11.58 -10.59
C42 LRM B . -21.04 12.31 -9.26
O16 LRM B . -22.41 12.68 -9.15
C40 LRM B . -20.64 11.21 -8.28
C41 LRM B . -21.65 9.63 -6.76
C34 LRM B . -19.48 10.50 -8.99
N13 LRM B . -18.13 10.82 -8.47
C37 LRM B . -17.36 11.79 -9.09
C38 LRM B . -16.17 12.18 -8.59
C39 LRM B . -15.67 11.59 -7.37
O14 LRM B . -14.58 11.86 -6.86
N14 LRM B . -16.50 10.62 -6.78
C36 LRM B . -16.11 10.09 -5.47
C35 LRM B . -17.72 10.20 -7.31
O13 LRM B . -18.36 9.28 -6.80
S SO4 C . -1.14 -13.97 -15.31
O1 SO4 C . 0.02 -14.36 -16.12
O2 SO4 C . -1.35 -14.99 -14.29
O3 SO4 C . -0.89 -12.67 -14.68
O4 SO4 C . -2.33 -13.90 -16.16
S SO4 D . -7.17 -9.52 -13.01
O1 SO4 D . -5.80 -9.27 -13.53
O2 SO4 D . -7.15 -10.56 -11.98
O3 SO4 D . -7.74 -8.27 -12.50
O4 SO4 D . -7.99 -9.98 -14.14
#